data_3NVF
# 
_entry.id   3NVF 
# 
_audit_conform.dict_name       mmcif_pdbx.dic 
_audit_conform.dict_version    5.387 
_audit_conform.dict_location   http://mmcif.pdb.org/dictionaries/ascii/mmcif_pdbx.dic 
# 
loop_
_database_2.database_id 
_database_2.database_code 
_database_2.pdbx_database_accession 
_database_2.pdbx_DOI 
PDB   3NVF         pdb_00003nvf 10.2210/pdb3nvf/pdb 
RCSB  RCSB060327   ?            ?                   
WWPDB D_1000060327 ?            ?                   
# 
loop_
_pdbx_audit_revision_history.ordinal 
_pdbx_audit_revision_history.data_content_type 
_pdbx_audit_revision_history.major_revision 
_pdbx_audit_revision_history.minor_revision 
_pdbx_audit_revision_history.revision_date 
1 'Structure model' 1 0 2011-03-02 
2 'Structure model' 1 1 2011-07-13 
3 'Structure model' 1 2 2024-02-21 
# 
_pdbx_audit_revision_details.ordinal             1 
_pdbx_audit_revision_details.revision_ordinal    1 
_pdbx_audit_revision_details.data_content_type   'Structure model' 
_pdbx_audit_revision_details.provider            repository 
_pdbx_audit_revision_details.type                'Initial release' 
_pdbx_audit_revision_details.description         ? 
_pdbx_audit_revision_details.details             ? 
# 
loop_
_pdbx_audit_revision_group.ordinal 
_pdbx_audit_revision_group.revision_ordinal 
_pdbx_audit_revision_group.data_content_type 
_pdbx_audit_revision_group.group 
1 2 'Structure model' 'Version format compliance' 
2 3 'Structure model' 'Data collection'           
3 3 'Structure model' 'Database references'       
4 3 'Structure model' 'Derived calculations'      
# 
loop_
_pdbx_audit_revision_category.ordinal 
_pdbx_audit_revision_category.revision_ordinal 
_pdbx_audit_revision_category.data_content_type 
_pdbx_audit_revision_category.category 
1 3 'Structure model' chem_comp_atom 
2 3 'Structure model' chem_comp_bond 
3 3 'Structure model' database_2     
4 3 'Structure model' struct_site    
# 
loop_
_pdbx_audit_revision_item.ordinal 
_pdbx_audit_revision_item.revision_ordinal 
_pdbx_audit_revision_item.data_content_type 
_pdbx_audit_revision_item.item 
1 3 'Structure model' '_database_2.pdbx_DOI'                
2 3 'Structure model' '_database_2.pdbx_database_accession' 
3 3 'Structure model' '_struct_site.pdbx_auth_asym_id'      
4 3 'Structure model' '_struct_site.pdbx_auth_comp_id'      
5 3 'Structure model' '_struct_site.pdbx_auth_seq_id'       
# 
_pdbx_database_status.entry_id                        3NVF 
_pdbx_database_status.status_code                     REL 
_pdbx_database_status.deposit_site                    RCSB 
_pdbx_database_status.process_site                    RCSB 
_pdbx_database_status.recvd_initial_deposition_date   2010-07-08 
_pdbx_database_status.status_code_sf                  REL 
_pdbx_database_status.status_code_mr                  ? 
_pdbx_database_status.SG_entry                        ? 
_pdbx_database_status.status_code_cs                  ? 
_pdbx_database_status.pdb_format_compatible           Y 
_pdbx_database_status.status_code_nmr_data            ? 
_pdbx_database_status.methods_development_category    ? 
# 
loop_
_pdbx_database_related.db_name 
_pdbx_database_related.db_id 
_pdbx_database_related.details 
_pdbx_database_related.content_type 
PDB 3NVE 'MMHFGN hexapeptide (residues 138-143) from golden hamster prion protein' unspecified 
PDB 3NVG 'MIHFGN hexapeptide (residues 137-142) from mouse prion protein'          unspecified 
PDB 3NVH 'MIHFGND (residues 137-143) from mouse prion protein'                     unspecified 
# 
loop_
_audit_author.name 
_audit_author.pdbx_ordinal 
'Apostol, M.I.' 1 
'Sawaya, M.R.'  2 
'Eisenberg, D.' 3 
# 
_citation.id                        primary 
_citation.title                     'Atomic structures suggest determinants of transmission barriers in Mammalian prion disease.' 
_citation.journal_abbrev            Biochemistry 
_citation.journal_volume            50 
_citation.page_first                2456 
_citation.page_last                 2463 
_citation.year                      2011 
_citation.journal_id_ASTM           BICHAW 
_citation.country                   US 
_citation.journal_id_ISSN           0006-2960 
_citation.journal_id_CSD            0033 
_citation.book_publisher            ? 
_citation.pdbx_database_id_PubMed   21323366 
_citation.pdbx_database_id_DOI      10.1021/bi101803k 
# 
loop_
_citation_author.citation_id 
_citation_author.name 
_citation_author.ordinal 
_citation_author.identifier_ORCID 
primary 'Apostol, M.I.'  1 ? 
primary 'Wiltzius, J.J.' 2 ? 
primary 'Sawaya, M.R.'   3 ? 
primary 'Cascio, D.'     4 ? 
primary 'Eisenberg, D.'  5 ? 
# 
loop_
_entity.id 
_entity.type 
_entity.src_method 
_entity.pdbx_description 
_entity.formula_weight 
_entity.pdbx_number_of_molecules 
_entity.pdbx_ec 
_entity.pdbx_mutation 
_entity.pdbx_fragment 
_entity.details 
1 polymer     syn 'Major prion protein'           673.781 1 ? ? ? ? 
2 non-polymer syn '(4S)-2-METHYL-2,4-PENTANEDIOL' 118.174 1 ? ? ? ? 
# 
_entity_name_com.entity_id   1 
_entity_name_com.name        'PrP, PrP27-30, PrP33-35C, ASCR' 
# 
_entity_poly.entity_id                      1 
_entity_poly.type                           'polypeptide(L)' 
_entity_poly.nstd_linkage                   no 
_entity_poly.nstd_monomer                   no 
_entity_poly.pdbx_seq_one_letter_code       IIHFGS 
_entity_poly.pdbx_seq_one_letter_code_can   IIHFGS 
_entity_poly.pdbx_strand_id                 A 
_entity_poly.pdbx_target_identifier         ? 
# 
_pdbx_entity_nonpoly.entity_id   2 
_pdbx_entity_nonpoly.name        '(4S)-2-METHYL-2,4-PENTANEDIOL' 
_pdbx_entity_nonpoly.comp_id     MPD 
# 
loop_
_entity_poly_seq.entity_id 
_entity_poly_seq.num 
_entity_poly_seq.mon_id 
_entity_poly_seq.hetero 
1 1 ILE n 
1 2 ILE n 
1 3 HIS n 
1 4 PHE n 
1 5 GLY n 
1 6 SER n 
# 
_pdbx_entity_src_syn.entity_id              1 
_pdbx_entity_src_syn.pdbx_src_id            1 
_pdbx_entity_src_syn.pdbx_alt_source_flag   sample 
_pdbx_entity_src_syn.pdbx_beg_seq_num       ? 
_pdbx_entity_src_syn.pdbx_end_seq_num       ? 
_pdbx_entity_src_syn.organism_scientific    'Homo sapiens' 
_pdbx_entity_src_syn.organism_common_name   human 
_pdbx_entity_src_syn.ncbi_taxonomy_id       9606 
_pdbx_entity_src_syn.details                'IIHFGS (UNP residues 138-143) from human prion' 
# 
loop_
_chem_comp.id 
_chem_comp.type 
_chem_comp.mon_nstd_flag 
_chem_comp.name 
_chem_comp.pdbx_synonyms 
_chem_comp.formula 
_chem_comp.formula_weight 
GLY 'peptide linking'   y GLYCINE                         ? 'C2 H5 N O2'     75.067  
HIS 'L-peptide linking' y HISTIDINE                       ? 'C6 H10 N3 O2 1' 156.162 
ILE 'L-peptide linking' y ISOLEUCINE                      ? 'C6 H13 N O2'    131.173 
MPD non-polymer         . '(4S)-2-METHYL-2,4-PENTANEDIOL' ? 'C6 H14 O2'      118.174 
PHE 'L-peptide linking' y PHENYLALANINE                   ? 'C9 H11 N O2'    165.189 
SER 'L-peptide linking' y SERINE                          ? 'C3 H7 N O3'     105.093 
# 
loop_
_pdbx_poly_seq_scheme.asym_id 
_pdbx_poly_seq_scheme.entity_id 
_pdbx_poly_seq_scheme.seq_id 
_pdbx_poly_seq_scheme.mon_id 
_pdbx_poly_seq_scheme.ndb_seq_num 
_pdbx_poly_seq_scheme.pdb_seq_num 
_pdbx_poly_seq_scheme.auth_seq_num 
_pdbx_poly_seq_scheme.pdb_mon_id 
_pdbx_poly_seq_scheme.auth_mon_id 
_pdbx_poly_seq_scheme.pdb_strand_id 
_pdbx_poly_seq_scheme.pdb_ins_code 
_pdbx_poly_seq_scheme.hetero 
A 1 1 ILE 1 1 1 ILE ILE A . n 
A 1 2 ILE 2 2 2 ILE ILE A . n 
A 1 3 HIS 3 3 3 HIS HIS A . n 
A 1 4 PHE 4 4 4 PHE PHE A . n 
A 1 5 GLY 5 5 5 GLY GLY A . n 
A 1 6 SER 6 6 6 SER SER A . n 
# 
_pdbx_nonpoly_scheme.asym_id         B 
_pdbx_nonpoly_scheme.entity_id       2 
_pdbx_nonpoly_scheme.mon_id          MPD 
_pdbx_nonpoly_scheme.ndb_seq_num     1 
_pdbx_nonpoly_scheme.pdb_seq_num     7 
_pdbx_nonpoly_scheme.auth_seq_num    1 
_pdbx_nonpoly_scheme.pdb_mon_id      MPD 
_pdbx_nonpoly_scheme.auth_mon_id     MPD 
_pdbx_nonpoly_scheme.pdb_strand_id   A 
_pdbx_nonpoly_scheme.pdb_ins_code    . 
# 
loop_
_software.pdbx_ordinal 
_software.name 
_software.version 
_software.date 
_software.type 
_software.contact_author 
_software.contact_author_email 
_software.classification 
_software.location 
_software.language 
_software.citation_id 
1 DENZO       .     ?                          program 'Zbyszek Otwinowski' hkl@hkl-xray.com            'data reduction'  
http://www.hkl-xray.com/                     ?          ? 
2 SCALEPACK   .     ?                          program 'Zbyszek Otwinowski' hkl@hkl-xray.com            'data scaling'    
http://www.hkl-xray.com/                     ?          ? 
3 PHASER      1.3.2 'Wed Feb 15 11:59:26 2006' program 'Randy J. Read'      cimr-phaser@lists.cam.ac.uk phasing           
http://www-structmed.cimr.cam.ac.uk/phaser/  ?          ? 
4 REFMAC      .     ?                          program 'Garib N. Murshudov' garib@ysbl.york.ac.uk       refinement        
http://www.ccp4.ac.uk/dist/html/refmac5.html Fortran_77 ? 
5 PDB_EXTRACT 3.10  'June 10, 2010'            package PDB                  deposit@deposit.rcsb.org    'data extraction' 
http://sw-tools.pdb.org/apps/PDB_EXTRACT/    C++        ? 
# 
_cell.length_a           27.546 
_cell.length_b           31.017 
_cell.length_c           4.804 
_cell.angle_alpha        90.000 
_cell.angle_beta         90.000 
_cell.angle_gamma        90.000 
_cell.entry_id           3NVF 
_cell.pdbx_unique_axis   ? 
_cell.Z_PDB              4 
_cell.length_a_esd       ? 
_cell.length_b_esd       ? 
_cell.length_c_esd       ? 
_cell.angle_alpha_esd    ? 
_cell.angle_beta_esd     ? 
_cell.angle_gamma_esd    ? 
# 
_symmetry.space_group_name_H-M             'P 21 21 2' 
_symmetry.entry_id                         3NVF 
_symmetry.Int_Tables_number                18 
_symmetry.pdbx_full_space_group_name_H-M   ? 
_symmetry.cell_setting                     ? 
_symmetry.space_group_name_Hall            ? 
# 
_exptl.crystals_number   1 
_exptl.entry_id          3NVF 
_exptl.method            'X-RAY DIFFRACTION' 
# 
_exptl_crystal.id                    1 
_exptl_crystal.density_Matthews      1.52 
_exptl_crystal.density_meas          ? 
_exptl_crystal.density_percent_sol   19.23 
_exptl_crystal.description           ? 
_exptl_crystal.F_000                 ? 
_exptl_crystal.preparation           ? 
# 
_exptl_crystal_grow.crystal_id      1 
_exptl_crystal_grow.method          'VAPOR DIFFUSION, HANGING DROP' 
_exptl_crystal_grow.pH              7.4 
_exptl_crystal_grow.temp            298 
_exptl_crystal_grow.pdbx_details    '100mM Tris pH 7.4, 25% MPD, vapor diffusion, hanging drop, temperature 298K' 
_exptl_crystal_grow.temp_details    ? 
_exptl_crystal_grow.pdbx_pH_range   ? 
# 
_diffrn.id                     1 
_diffrn.ambient_temp           100 
_diffrn.ambient_temp_details   ? 
_diffrn.crystal_id             1 
# 
_diffrn_detector.diffrn_id              1 
_diffrn_detector.detector               CCD 
_diffrn_detector.type                   'MAR CCD 225' 
_diffrn_detector.pdbx_collection_date   2008-01-01 
_diffrn_detector.details                ? 
# 
_diffrn_radiation.diffrn_id                        1 
_diffrn_radiation.pdbx_diffrn_protocol             'SINGLE WAVELENGTH' 
_diffrn_radiation.monochromator                    ? 
_diffrn_radiation.wavelength_id                    1 
_diffrn_radiation.pdbx_monochromatic_or_laue_m_l   M 
_diffrn_radiation.pdbx_scattering_type             x-ray 
# 
_diffrn_radiation_wavelength.id           1 
_diffrn_radiation_wavelength.wavelength   0.8726 
_diffrn_radiation_wavelength.wt           1.0 
# 
_diffrn_source.diffrn_id                   1 
_diffrn_source.source                      SYNCHROTRON 
_diffrn_source.type                        'ESRF BEAMLINE ID13' 
_diffrn_source.pdbx_wavelength_list        0.8726 
_diffrn_source.pdbx_wavelength             ? 
_diffrn_source.pdbx_synchrotron_site       ESRF 
_diffrn_source.pdbx_synchrotron_beamline   ID13 
# 
_reflns.entry_id                     3NVF 
_reflns.d_resolution_high            1.800 
_reflns.d_resolution_low             90.000 
_reflns.number_obs                   443 
_reflns.pdbx_Rmerge_I_obs            0.216 
_reflns.pdbx_netI_over_sigmaI        6.800 
_reflns.pdbx_chi_squared             1.137 
_reflns.pdbx_redundancy              3.800 
_reflns.percent_possible_obs         85.400 
_reflns.observed_criterion_sigma_F   ? 
_reflns.observed_criterion_sigma_I   ? 
_reflns.number_all                   ? 
_reflns.pdbx_Rsym_value              ? 
_reflns.B_iso_Wilson_estimate        ? 
_reflns.R_free_details               ? 
_reflns.limit_h_max                  ? 
_reflns.limit_h_min                  ? 
_reflns.limit_k_max                  ? 
_reflns.limit_k_min                  ? 
_reflns.limit_l_max                  ? 
_reflns.limit_l_min                  ? 
_reflns.observed_criterion_F_max     ? 
_reflns.observed_criterion_F_min     ? 
_reflns.pdbx_scaling_rejects         ? 
_reflns.pdbx_diffrn_id               1 
_reflns.pdbx_ordinal                 1 
# 
loop_
_reflns_shell.d_res_high 
_reflns_shell.d_res_low 
_reflns_shell.number_measured_obs 
_reflns_shell.number_measured_all 
_reflns_shell.number_unique_obs 
_reflns_shell.Rmerge_I_obs 
_reflns_shell.meanI_over_sigI_obs 
_reflns_shell.pdbx_Rsym_value 
_reflns_shell.pdbx_chi_squared 
_reflns_shell.pdbx_redundancy 
_reflns_shell.percent_possible_obs 
_reflns_shell.number_unique_all 
_reflns_shell.percent_possible_all 
_reflns_shell.pdbx_diffrn_id 
_reflns_shell.pdbx_ordinal 
1.800 1.940  ? ? ? 0.395 ? ? 1.424 1.700 ? 63  67.000  ? 1 
1.940 2.130  ? ? ? 0.327 ? ? 1.294 2.300 ? 83  85.600  ? 2 
2.130 2.440  ? ? ? 0.314 ? ? 0.964 3.200 ? 89  78.800  ? 3 
2.440 3.080  ? ? ? 0.244 ? ? 1.062 5.400 ? 87  100.000 ? 4 
3.080 90.000 ? ? ? 0.197 ? ? 1.199 5.100 ? 121 94.500  ? 5 
# 
_refine.entry_id                                 3NVF 
_refine.ls_d_res_high                            1.8000 
_refine.ls_d_res_low                             20.6000 
_refine.pdbx_ls_sigma_F                          0.000 
_refine.pdbx_data_cutoff_high_absF               ? 
_refine.pdbx_data_cutoff_low_absF                ? 
_refine.ls_percent_reflns_obs                    86.4300 
_refine.ls_number_reflns_obs                     433 
_refine.ls_number_reflns_all                     ? 
_refine.pdbx_ls_cross_valid_method               THROUGHOUT 
_refine.pdbx_R_Free_selection_details            RANDOM 
_refine.details                                  'HYDROGENS HAVE BEEN ADDED IN THE RIDING POSITIONS' 
_refine.ls_R_factor_all                          ? 
_refine.ls_R_factor_obs                          0.2133 
_refine.ls_R_factor_R_work                       0.2118 
_refine.ls_wR_factor_R_work                      0.2013 
_refine.ls_R_factor_R_free                       0.2263 
_refine.ls_wR_factor_R_free                      0.2521 
_refine.ls_percent_reflns_R_free                 9.2000 
_refine.ls_number_reflns_R_free                  40 
_refine.ls_R_factor_R_free_error                 ? 
_refine.B_iso_mean                               20.8202 
_refine.solvent_model_param_bsol                 ? 
_refine.solvent_model_param_ksol                 ? 
_refine.pdbx_isotropic_thermal_model             ? 
_refine.aniso_B[1][1]                            1.0000 
_refine.aniso_B[2][2]                            -0.0400 
_refine.aniso_B[3][3]                            -0.9500 
_refine.aniso_B[1][2]                            0.0000 
_refine.aniso_B[1][3]                            0.0000 
_refine.aniso_B[2][3]                            0.0000 
_refine.correlation_coeff_Fo_to_Fc               0.9550 
_refine.correlation_coeff_Fo_to_Fc_free          0.9400 
_refine.overall_SU_R_Cruickshank_DPI             0.2379 
_refine.overall_SU_R_free                        0.1668 
_refine.pdbx_overall_ESU_R_Free                  0.1670 
_refine.overall_SU_ML                            0.1110 
_refine.overall_SU_B                             4.0090 
_refine.solvent_model_details                    MASK 
_refine.pdbx_solvent_vdw_probe_radii             1.4000 
_refine.pdbx_solvent_ion_probe_radii             0.8000 
_refine.pdbx_solvent_shrinkage_radii             0.8000 
_refine.ls_number_parameters                     ? 
_refine.ls_number_restraints                     ? 
_refine.pdbx_starting_model                      ? 
_refine.pdbx_method_to_determine_struct          'MOLECULAR REPLACEMENT' 
_refine.pdbx_stereochemistry_target_values       'MAXIMUM LIKELIHOOD' 
_refine.pdbx_stereochem_target_val_spec_case     ? 
_refine.overall_FOM_work_R_set                   0.8682 
_refine.B_iso_max                                52.980 
_refine.B_iso_min                                10.200 
_refine.occupancy_max                            1.000 
_refine.occupancy_min                            1.000 
_refine.pdbx_ls_sigma_I                          ? 
_refine.ls_redundancy_reflns_obs                 ? 
_refine.ls_R_factor_R_free_error_details         ? 
_refine.pdbx_data_cutoff_high_rms_absF           ? 
_refine.overall_FOM_free_R_set                   ? 
_refine.pdbx_overall_phase_error                 ? 
_refine.pdbx_refine_id                           'X-RAY DIFFRACTION' 
_refine.pdbx_overall_ESU_R                       ? 
_refine.pdbx_diffrn_id                           1 
_refine.pdbx_TLS_residual_ADP_flag               ? 
_refine.pdbx_overall_SU_R_free_Cruickshank_DPI   ? 
_refine.pdbx_overall_SU_R_Blow_DPI               ? 
_refine.pdbx_overall_SU_R_free_Blow_DPI          ? 
# 
_refine_hist.pdbx_refine_id                   'X-RAY DIFFRACTION' 
_refine_hist.cycle_id                         LAST 
_refine_hist.pdbx_number_atoms_protein        48 
_refine_hist.pdbx_number_atoms_nucleic_acid   0 
_refine_hist.pdbx_number_atoms_ligand         8 
_refine_hist.number_atoms_solvent             0 
_refine_hist.number_atoms_total               56 
_refine_hist.d_res_high                       1.8000 
_refine_hist.d_res_low                        20.6000 
# 
loop_
_refine_ls_restr.type 
_refine_ls_restr.number 
_refine_ls_restr.dev_ideal 
_refine_ls_restr.dev_ideal_target 
_refine_ls_restr.weight 
_refine_ls_restr.pdbx_refine_id 
_refine_ls_restr.pdbx_restraint_function 
r_bond_refined_d       56 0.009  0.021  ? 'X-RAY DIFFRACTION' ? 
r_bond_other_d         35 0.001  0.020  ? 'X-RAY DIFFRACTION' ? 
r_angle_refined_deg    75 1.657  2.043  ? 'X-RAY DIFFRACTION' ? 
r_angle_other_deg      84 0.693  3.000  ? 'X-RAY DIFFRACTION' ? 
r_dihedral_angle_1_deg 5  9.100  5.000  ? 'X-RAY DIFFRACTION' ? 
r_dihedral_angle_2_deg 2  52.201 20.000 ? 'X-RAY DIFFRACTION' ? 
r_dihedral_angle_3_deg 7  10.817 15.000 ? 'X-RAY DIFFRACTION' ? 
r_chiral_restr         8  0.053  0.200  ? 'X-RAY DIFFRACTION' ? 
r_gen_planes_refined   52 0.004  0.020  ? 'X-RAY DIFFRACTION' ? 
r_gen_planes_other     12 0.001  0.020  ? 'X-RAY DIFFRACTION' ? 
r_mcbond_it            29 0.523  1.500  ? 'X-RAY DIFFRACTION' ? 
r_mcbond_other         12 0.157  1.500  ? 'X-RAY DIFFRACTION' ? 
r_mcangle_it           46 0.853  2.000  ? 'X-RAY DIFFRACTION' ? 
r_scbond_it            27 1.220  3.000  ? 'X-RAY DIFFRACTION' ? 
r_scangle_it           29 1.673  4.500  ? 'X-RAY DIFFRACTION' ? 
# 
_refine_ls_shell.d_res_high                       1.8000 
_refine_ls_shell.d_res_low                        2.0110 
_refine_ls_shell.pdbx_total_number_of_bins_used   5 
_refine_ls_shell.percent_reflns_obs               72.2200 
_refine_ls_shell.number_reflns_R_work             87 
_refine_ls_shell.R_factor_all                     ? 
_refine_ls_shell.R_factor_R_work                  0.3820 
_refine_ls_shell.R_factor_R_free                  0.3300 
_refine_ls_shell.percent_reflns_R_free            ? 
_refine_ls_shell.number_reflns_R_free             4 
_refine_ls_shell.R_factor_R_free_error            ? 
_refine_ls_shell.number_reflns_all                91 
_refine_ls_shell.number_reflns_obs                ? 
_refine_ls_shell.redundancy_reflns_obs            ? 
_refine_ls_shell.pdbx_refine_id                   'X-RAY DIFFRACTION' 
# 
_struct.entry_id                  3NVF 
_struct.title                     'IIHFGS segment 138-143 from human prion' 
_struct.pdbx_model_details        ? 
_struct.pdbx_CASP_flag            ? 
_struct.pdbx_model_type_details   ? 
# 
_struct_keywords.entry_id        3NVF 
_struct_keywords.text            'amyloid-like protofibril, PROTEIN FIBRIL' 
_struct_keywords.pdbx_keywords   'PROTEIN FIBRIL' 
# 
loop_
_struct_asym.id 
_struct_asym.pdbx_blank_PDB_chainid_flag 
_struct_asym.pdbx_modified 
_struct_asym.entity_id 
_struct_asym.details 
A N N 1 ? 
B N N 2 ? 
# 
_struct_ref.id                         1 
_struct_ref.db_name                    UNP 
_struct_ref.db_code                    PRIO_HUMAN 
_struct_ref.pdbx_db_accession          P04156 
_struct_ref.entity_id                  1 
_struct_ref.pdbx_seq_one_letter_code   IIHFGS 
_struct_ref.pdbx_align_begin           138 
_struct_ref.pdbx_db_isoform            ? 
# 
_struct_ref_seq.align_id                      1 
_struct_ref_seq.ref_id                        1 
_struct_ref_seq.pdbx_PDB_id_code              3NVF 
_struct_ref_seq.pdbx_strand_id                A 
_struct_ref_seq.seq_align_beg                 1 
_struct_ref_seq.pdbx_seq_align_beg_ins_code   ? 
_struct_ref_seq.seq_align_end                 6 
_struct_ref_seq.pdbx_seq_align_end_ins_code   ? 
_struct_ref_seq.pdbx_db_accession             P04156 
_struct_ref_seq.db_align_beg                  138 
_struct_ref_seq.pdbx_db_align_beg_ins_code    ? 
_struct_ref_seq.db_align_end                  143 
_struct_ref_seq.pdbx_db_align_end_ins_code    ? 
_struct_ref_seq.pdbx_auth_seq_align_beg       1 
_struct_ref_seq.pdbx_auth_seq_align_end       6 
# 
_pdbx_struct_assembly.id                   1 
_pdbx_struct_assembly.details              author_defined_assembly 
_pdbx_struct_assembly.method_details       ? 
_pdbx_struct_assembly.oligomeric_details   decameric 
_pdbx_struct_assembly.oligomeric_count     10 
# 
_pdbx_struct_assembly_gen.assembly_id       1 
_pdbx_struct_assembly_gen.oper_expression   1,2,3,4,5,6,7,8,9,10 
_pdbx_struct_assembly_gen.asym_id_list      A,B 
# 
loop_
_pdbx_struct_oper_list.id 
_pdbx_struct_oper_list.type 
_pdbx_struct_oper_list.name 
_pdbx_struct_oper_list.symmetry_operation 
_pdbx_struct_oper_list.matrix[1][1] 
_pdbx_struct_oper_list.matrix[1][2] 
_pdbx_struct_oper_list.matrix[1][3] 
_pdbx_struct_oper_list.vector[1] 
_pdbx_struct_oper_list.matrix[2][1] 
_pdbx_struct_oper_list.matrix[2][2] 
_pdbx_struct_oper_list.matrix[2][3] 
_pdbx_struct_oper_list.vector[2] 
_pdbx_struct_oper_list.matrix[3][1] 
_pdbx_struct_oper_list.matrix[3][2] 
_pdbx_struct_oper_list.matrix[3][3] 
_pdbx_struct_oper_list.vector[3] 
1  'identity operation'         1_555 x,y,z       1.0000000000  0.0000000000 0.0000000000  0.0000000000   0.0000000000 1.0000000000 0.0000000000  0.0000000000  0.0000000000  0.0000000000  1.0000000000  0.0000000000  
2  'crystal symmetry operation' 1_557 x,y,z+2     1.0000000000  0.0000000000 0.0000000000  0.6386871776   0.0000000000 1.0000000000 0.0000000000  9.5736783828  0.0000000000  0.0000000000  1.0000000000  -0.5004247306 
3  'crystal symmetry operation' 1_556 x,y,z+1     1.0000000000  0.0000000000 0.0000000000  0.3193435888   0.0000000000 1.0000000000 0.0000000000  4.7868391914  0.0000000000  0.0000000000  1.0000000000  -0.2502123653 
4  'crystal symmetry operation' 1_554 x,y,z-1     1.0000000000  0.0000000000 0.0000000000  -0.3193435888  0.0000000000 1.0000000000 0.0000000000  -4.7868391914 0.0000000000  0.0000000000  1.0000000000  0.2502123653  
5  'crystal symmetry operation' 1_553 x,y,z-2     1.0000000000  0.0000000000 0.0000000000  -0.6386871776  0.0000000000 1.0000000000 0.0000000000  -9.5736783828 0.0000000000  0.0000000000  1.0000000000  0.5004247306  
6  'crystal symmetry operation' 2_657 -x+1,-y,z+2 -0.9911622767 0.1324741184 -0.0069245406 -14.4163280913 0.1324741184 0.9857367546 -0.1037962360 10.9315073772 -0.0069245406 -0.1037962360 -0.9945744779 6.2617768017  
7  'crystal symmetry operation' 2_656 -x+1,-y,z+1 -0.9911622767 0.1324741184 -0.0069245406 -14.7356716801 0.1324741184 0.9857367546 -0.1037962360 6.1446681858  -0.0069245406 -0.1037962360 -0.9945744779 6.5119891670  
8  'crystal symmetry operation' 2_655 -x+1,-y,z   -0.9911622767 0.1324741184 -0.0069245406 -15.0550152689 0.1324741184 0.9857367546 -0.1037962360 1.3578289943  -0.0069245406 -0.1037962360 -0.9945744779 6.7622015323  
9  'crystal symmetry operation' 2_654 -x+1,-y,z-1 -0.9911622767 0.1324741184 -0.0069245406 -15.3743588577 0.1324741184 0.9857367546 -0.1037962360 -3.4290101971 -0.0069245406 -0.1037962360 -0.9945744779 7.0124138976  
10 'crystal symmetry operation' 2_653 -x+1,-y,z-2 -0.9911622767 0.1324741184 -0.0069245406 -15.6937024465 0.1324741184 0.9857367546 -0.1037962360 -8.2158493885 -0.0069245406 -0.1037962360 -0.9945744779 7.2626262629 
# 
_struct_biol.id        1 
_struct_biol.details   ? 
# 
_struct_site.id                   AC1 
_struct_site.pdbx_evidence_code   Software 
_struct_site.pdbx_auth_asym_id    A 
_struct_site.pdbx_auth_comp_id    MPD 
_struct_site.pdbx_auth_seq_id     7 
_struct_site.pdbx_auth_ins_code   ? 
_struct_site.pdbx_num_residues    5 
_struct_site.details              'BINDING SITE FOR RESIDUE MPD A 7' 
# 
loop_
_struct_site_gen.id 
_struct_site_gen.site_id 
_struct_site_gen.pdbx_num_res 
_struct_site_gen.label_comp_id 
_struct_site_gen.label_asym_id 
_struct_site_gen.label_seq_id 
_struct_site_gen.pdbx_auth_ins_code 
_struct_site_gen.auth_comp_id 
_struct_site_gen.auth_asym_id 
_struct_site_gen.auth_seq_id 
_struct_site_gen.label_atom_id 
_struct_site_gen.label_alt_id 
_struct_site_gen.symmetry 
_struct_site_gen.details 
1 AC1 5 ILE A 1 ? ILE A 1 . ? 4_444 ? 
2 AC1 5 ILE A 2 ? ILE A 2 . ? 4_444 ? 
3 AC1 5 HIS A 3 ? HIS A 3 . ? 1_555 ? 
4 AC1 5 HIS A 3 ? HIS A 3 . ? 1_554 ? 
5 AC1 5 PHE A 4 ? PHE A 4 . ? 3_544 ? 
# 
_pdbx_phasing_MR.entry_id                     3NVF 
_pdbx_phasing_MR.method_rotation              ? 
_pdbx_phasing_MR.method_translation           ? 
_pdbx_phasing_MR.model_details                'Phaser MODE: MR_AUTO' 
_pdbx_phasing_MR.R_factor                     ? 
_pdbx_phasing_MR.R_rigid_body                 ? 
_pdbx_phasing_MR.correlation_coeff_Fo_to_Fc   ? 
_pdbx_phasing_MR.correlation_coeff_Io_to_Ic   ? 
_pdbx_phasing_MR.d_res_high_rotation          2.200 
_pdbx_phasing_MR.d_res_low_rotation           20.600 
_pdbx_phasing_MR.d_res_high_translation       2.200 
_pdbx_phasing_MR.d_res_low_translation        20.600 
_pdbx_phasing_MR.packing                      ? 
_pdbx_phasing_MR.reflns_percent_rotation      ? 
_pdbx_phasing_MR.reflns_percent_translation   ? 
_pdbx_phasing_MR.sigma_F_rotation             ? 
_pdbx_phasing_MR.sigma_F_translation          ? 
_pdbx_phasing_MR.sigma_I_rotation             ? 
_pdbx_phasing_MR.sigma_I_translation          ? 
# 
_phasing.method   MR 
# 
loop_
_chem_comp_atom.comp_id 
_chem_comp_atom.atom_id 
_chem_comp_atom.type_symbol 
_chem_comp_atom.pdbx_aromatic_flag 
_chem_comp_atom.pdbx_stereo_config 
_chem_comp_atom.pdbx_ordinal 
GLY N    N N N 1   
GLY CA   C N N 2   
GLY C    C N N 3   
GLY O    O N N 4   
GLY OXT  O N N 5   
GLY H    H N N 6   
GLY H2   H N N 7   
GLY HA2  H N N 8   
GLY HA3  H N N 9   
GLY HXT  H N N 10  
HIS N    N N N 11  
HIS CA   C N S 12  
HIS C    C N N 13  
HIS O    O N N 14  
HIS CB   C N N 15  
HIS CG   C Y N 16  
HIS ND1  N Y N 17  
HIS CD2  C Y N 18  
HIS CE1  C Y N 19  
HIS NE2  N Y N 20  
HIS OXT  O N N 21  
HIS H    H N N 22  
HIS H2   H N N 23  
HIS HA   H N N 24  
HIS HB2  H N N 25  
HIS HB3  H N N 26  
HIS HD1  H N N 27  
HIS HD2  H N N 28  
HIS HE1  H N N 29  
HIS HE2  H N N 30  
HIS HXT  H N N 31  
ILE N    N N N 32  
ILE CA   C N S 33  
ILE C    C N N 34  
ILE O    O N N 35  
ILE CB   C N S 36  
ILE CG1  C N N 37  
ILE CG2  C N N 38  
ILE CD1  C N N 39  
ILE OXT  O N N 40  
ILE H    H N N 41  
ILE H2   H N N 42  
ILE HA   H N N 43  
ILE HB   H N N 44  
ILE HG12 H N N 45  
ILE HG13 H N N 46  
ILE HG21 H N N 47  
ILE HG22 H N N 48  
ILE HG23 H N N 49  
ILE HD11 H N N 50  
ILE HD12 H N N 51  
ILE HD13 H N N 52  
ILE HXT  H N N 53  
MPD C1   C N N 54  
MPD C2   C N N 55  
MPD O2   O N N 56  
MPD CM   C N N 57  
MPD C3   C N N 58  
MPD C4   C N S 59  
MPD O4   O N N 60  
MPD C5   C N N 61  
MPD H11  H N N 62  
MPD H12  H N N 63  
MPD H13  H N N 64  
MPD HO2  H N N 65  
MPD HM1  H N N 66  
MPD HM2  H N N 67  
MPD HM3  H N N 68  
MPD H31  H N N 69  
MPD H32  H N N 70  
MPD H4   H N N 71  
MPD HO4  H N N 72  
MPD H51  H N N 73  
MPD H52  H N N 74  
MPD H53  H N N 75  
PHE N    N N N 76  
PHE CA   C N S 77  
PHE C    C N N 78  
PHE O    O N N 79  
PHE CB   C N N 80  
PHE CG   C Y N 81  
PHE CD1  C Y N 82  
PHE CD2  C Y N 83  
PHE CE1  C Y N 84  
PHE CE2  C Y N 85  
PHE CZ   C Y N 86  
PHE OXT  O N N 87  
PHE H    H N N 88  
PHE H2   H N N 89  
PHE HA   H N N 90  
PHE HB2  H N N 91  
PHE HB3  H N N 92  
PHE HD1  H N N 93  
PHE HD2  H N N 94  
PHE HE1  H N N 95  
PHE HE2  H N N 96  
PHE HZ   H N N 97  
PHE HXT  H N N 98  
SER N    N N N 99  
SER CA   C N S 100 
SER C    C N N 101 
SER O    O N N 102 
SER CB   C N N 103 
SER OG   O N N 104 
SER OXT  O N N 105 
SER H    H N N 106 
SER H2   H N N 107 
SER HA   H N N 108 
SER HB2  H N N 109 
SER HB3  H N N 110 
SER HG   H N N 111 
SER HXT  H N N 112 
# 
loop_
_chem_comp_bond.comp_id 
_chem_comp_bond.atom_id_1 
_chem_comp_bond.atom_id_2 
_chem_comp_bond.value_order 
_chem_comp_bond.pdbx_aromatic_flag 
_chem_comp_bond.pdbx_stereo_config 
_chem_comp_bond.pdbx_ordinal 
GLY N   CA   sing N N 1   
GLY N   H    sing N N 2   
GLY N   H2   sing N N 3   
GLY CA  C    sing N N 4   
GLY CA  HA2  sing N N 5   
GLY CA  HA3  sing N N 6   
GLY C   O    doub N N 7   
GLY C   OXT  sing N N 8   
GLY OXT HXT  sing N N 9   
HIS N   CA   sing N N 10  
HIS N   H    sing N N 11  
HIS N   H2   sing N N 12  
HIS CA  C    sing N N 13  
HIS CA  CB   sing N N 14  
HIS CA  HA   sing N N 15  
HIS C   O    doub N N 16  
HIS C   OXT  sing N N 17  
HIS CB  CG   sing N N 18  
HIS CB  HB2  sing N N 19  
HIS CB  HB3  sing N N 20  
HIS CG  ND1  sing Y N 21  
HIS CG  CD2  doub Y N 22  
HIS ND1 CE1  doub Y N 23  
HIS ND1 HD1  sing N N 24  
HIS CD2 NE2  sing Y N 25  
HIS CD2 HD2  sing N N 26  
HIS CE1 NE2  sing Y N 27  
HIS CE1 HE1  sing N N 28  
HIS NE2 HE2  sing N N 29  
HIS OXT HXT  sing N N 30  
ILE N   CA   sing N N 31  
ILE N   H    sing N N 32  
ILE N   H2   sing N N 33  
ILE CA  C    sing N N 34  
ILE CA  CB   sing N N 35  
ILE CA  HA   sing N N 36  
ILE C   O    doub N N 37  
ILE C   OXT  sing N N 38  
ILE CB  CG1  sing N N 39  
ILE CB  CG2  sing N N 40  
ILE CB  HB   sing N N 41  
ILE CG1 CD1  sing N N 42  
ILE CG1 HG12 sing N N 43  
ILE CG1 HG13 sing N N 44  
ILE CG2 HG21 sing N N 45  
ILE CG2 HG22 sing N N 46  
ILE CG2 HG23 sing N N 47  
ILE CD1 HD11 sing N N 48  
ILE CD1 HD12 sing N N 49  
ILE CD1 HD13 sing N N 50  
ILE OXT HXT  sing N N 51  
MPD C1  C2   sing N N 52  
MPD C1  H11  sing N N 53  
MPD C1  H12  sing N N 54  
MPD C1  H13  sing N N 55  
MPD C2  O2   sing N N 56  
MPD C2  CM   sing N N 57  
MPD C2  C3   sing N N 58  
MPD O2  HO2  sing N N 59  
MPD CM  HM1  sing N N 60  
MPD CM  HM2  sing N N 61  
MPD CM  HM3  sing N N 62  
MPD C3  C4   sing N N 63  
MPD C3  H31  sing N N 64  
MPD C3  H32  sing N N 65  
MPD C4  O4   sing N N 66  
MPD C4  C5   sing N N 67  
MPD C4  H4   sing N N 68  
MPD O4  HO4  sing N N 69  
MPD C5  H51  sing N N 70  
MPD C5  H52  sing N N 71  
MPD C5  H53  sing N N 72  
PHE N   CA   sing N N 73  
PHE N   H    sing N N 74  
PHE N   H2   sing N N 75  
PHE CA  C    sing N N 76  
PHE CA  CB   sing N N 77  
PHE CA  HA   sing N N 78  
PHE C   O    doub N N 79  
PHE C   OXT  sing N N 80  
PHE CB  CG   sing N N 81  
PHE CB  HB2  sing N N 82  
PHE CB  HB3  sing N N 83  
PHE CG  CD1  doub Y N 84  
PHE CG  CD2  sing Y N 85  
PHE CD1 CE1  sing Y N 86  
PHE CD1 HD1  sing N N 87  
PHE CD2 CE2  doub Y N 88  
PHE CD2 HD2  sing N N 89  
PHE CE1 CZ   doub Y N 90  
PHE CE1 HE1  sing N N 91  
PHE CE2 CZ   sing Y N 92  
PHE CE2 HE2  sing N N 93  
PHE CZ  HZ   sing N N 94  
PHE OXT HXT  sing N N 95  
SER N   CA   sing N N 96  
SER N   H    sing N N 97  
SER N   H2   sing N N 98  
SER CA  C    sing N N 99  
SER CA  CB   sing N N 100 
SER CA  HA   sing N N 101 
SER C   O    doub N N 102 
SER C   OXT  sing N N 103 
SER CB  OG   sing N N 104 
SER CB  HB2  sing N N 105 
SER CB  HB3  sing N N 106 
SER OG  HG   sing N N 107 
SER OXT HXT  sing N N 108 
# 
_atom_sites.entry_id                    3NVF 
_atom_sites.fract_transf_matrix[1][1]   -0.03618158 
_atom_sites.fract_transf_matrix[1][2]   0.00249747 
_atom_sites.fract_transf_matrix[1][3]   0.00160122 
_atom_sites.fract_transf_matrix[2][1]   0.00153245 
_atom_sites.fract_transf_matrix[2][2]   0.00157905 
_atom_sites.fract_transf_matrix[2][3]   0.03216482 
_atom_sites.fract_transf_matrix[3][1]   0.01383734 
_atom_sites.fract_transf_matrix[3][2]   0.20741641 
_atom_sites.fract_transf_matrix[3][3]   -0.01084184 
_atom_sites.fract_transf_vector[1]      0.220535 
_atom_sites.fract_transf_vector[2]      -0.098289 
_atom_sites.fract_transf_vector[3]      -0.284520 
# 
loop_
_atom_type.symbol 
C 
N 
O 
# 
loop_
_atom_site.group_PDB 
_atom_site.id 
_atom_site.type_symbol 
_atom_site.label_atom_id 
_atom_site.label_alt_id 
_atom_site.label_comp_id 
_atom_site.label_asym_id 
_atom_site.label_entity_id 
_atom_site.label_seq_id 
_atom_site.pdbx_PDB_ins_code 
_atom_site.Cartn_x 
_atom_site.Cartn_y 
_atom_site.Cartn_z 
_atom_site.occupancy 
_atom_site.B_iso_or_equiv 
_atom_site.pdbx_formal_charge 
_atom_site.auth_seq_id 
_atom_site.auth_comp_id 
_atom_site.auth_asym_id 
_atom_site.auth_atom_id 
_atom_site.pdbx_PDB_model_num 
ATOM   1  N N   . ILE A 1 1 ? -6.748 0.342  -5.049 1.00 14.40 ? 1 ILE A N   1 
ATOM   2  C CA  . ILE A 1 1 ? -5.547 -0.085 -4.275 1.00 14.86 ? 1 ILE A CA  1 
ATOM   3  C C   . ILE A 1 1 ? -5.480 0.562  -2.912 1.00 15.15 ? 1 ILE A C   1 
ATOM   4  O O   . ILE A 1 1 ? -5.569 1.782  -2.799 1.00 15.28 ? 1 ILE A O   1 
ATOM   5  C CB  . ILE A 1 1 ? -4.210 0.284  -4.967 1.00 15.06 ? 1 ILE A CB  1 
ATOM   6  C CG1 . ILE A 1 1 ? -4.068 -0.429 -6.307 1.00 15.45 ? 1 ILE A CG1 1 
ATOM   7  C CG2 . ILE A 1 1 ? -3.015 -0.075 -4.057 1.00 14.46 ? 1 ILE A CG2 1 
ATOM   8  C CD1 . ILE A 1 1 ? -2.961 0.131  -7.172 1.00 13.87 ? 1 ILE A CD1 1 
ATOM   9  N N   . ILE A 1 2 ? -5.331 -0.268 -1.884 1.00 14.95 ? 2 ILE A N   1 
ATOM   10 C CA  . ILE A 1 2 ? -4.875 0.174  -0.592 1.00 15.44 ? 2 ILE A CA  1 
ATOM   11 C C   . ILE A 1 2 ? -3.509 -0.481 -0.355 1.00 15.35 ? 2 ILE A C   1 
ATOM   12 O O   . ILE A 1 2 ? -3.406 -1.715 -0.297 1.00 15.42 ? 2 ILE A O   1 
ATOM   13 C CB  . ILE A 1 2 ? -5.832 -0.227 0.537  1.00 15.07 ? 2 ILE A CB  1 
ATOM   14 C CG1 . ILE A 1 2 ? -7.241 0.280  0.277  1.00 15.89 ? 2 ILE A CG1 1 
ATOM   15 C CG2 . ILE A 1 2 ? -5.364 0.355  1.854  1.00 16.14 ? 2 ILE A CG2 1 
ATOM   16 C CD1 . ILE A 1 2 ? -8.206 -0.081 1.424  1.00 13.94 ? 2 ILE A CD1 1 
ATOM   17 N N   . HIS A 1 3 ? -2.468 0.350  -0.236 1.00 15.48 ? 3 HIS A N   1 
ATOM   18 C CA  . HIS A 1 3 ? -1.099 -0.130 -0.092 1.00 14.66 ? 3 HIS A CA  1 
ATOM   19 C C   . HIS A 1 3 ? -0.391 0.528  1.100  1.00 15.08 ? 3 HIS A C   1 
ATOM   20 O O   . HIS A 1 3 ? -0.123 1.738  1.125  1.00 13.92 ? 3 HIS A O   1 
ATOM   21 C CB  . HIS A 1 3 ? -0.313 0.087  -1.390 1.00 14.83 ? 3 HIS A CB  1 
ATOM   22 C CG  . HIS A 1 3 ? 1.081  -0.478 -1.371 1.00 12.74 ? 3 HIS A CG  1 
ATOM   23 N ND1 . HIS A 1 3 ? 2.066  -0.030 -2.221 1.00 11.28 ? 3 HIS A ND1 1 
ATOM   24 C CD2 . HIS A 1 3 ? 1.658  -1.433 -0.606 1.00 12.74 ? 3 HIS A CD2 1 
ATOM   25 C CE1 . HIS A 1 3 ? 3.187  -0.681 -1.984 1.00 10.42 ? 3 HIS A CE1 1 
ATOM   26 N NE2 . HIS A 1 3 ? 2.975  -1.528 -0.994 1.00 10.20 ? 3 HIS A NE2 1 
ATOM   27 N N   . PHE A 1 4 ? -0.088 -0.307 2.087  1.00 14.93 ? 4 PHE A N   1 
ATOM   28 C CA  . PHE A 1 4 ? 0.650  0.105  3.262  1.00 15.32 ? 4 PHE A CA  1 
ATOM   29 C C   . PHE A 1 4 ? 2.019  -0.554 3.150  1.00 15.08 ? 4 PHE A C   1 
ATOM   30 O O   . PHE A 1 4 ? 2.197  -1.715 3.505  1.00 15.04 ? 4 PHE A O   1 
ATOM   31 C CB  . PHE A 1 4 ? -0.096 -0.312 4.532  1.00 15.04 ? 4 PHE A CB  1 
ATOM   32 C CG  . PHE A 1 4 ? -1.176 0.658  4.944  1.00 17.30 ? 4 PHE A CG  1 
ATOM   33 C CD1 . PHE A 1 4 ? -1.110 1.323  6.154  1.00 19.00 ? 4 PHE A CD1 1 
ATOM   34 C CD2 . PHE A 1 4 ? -2.241 0.926  4.113  1.00 17.85 ? 4 PHE A CD2 1 
ATOM   35 C CE1 . PHE A 1 4 ? -2.103 2.224  6.522  1.00 19.54 ? 4 PHE A CE1 1 
ATOM   36 C CE2 . PHE A 1 4 ? -3.227 1.821  4.487  1.00 18.92 ? 4 PHE A CE2 1 
ATOM   37 C CZ  . PHE A 1 4 ? -3.156 2.464  5.687  1.00 17.54 ? 4 PHE A CZ  1 
ATOM   38 N N   . GLY A 1 5 ? 2.968  0.193  2.612  1.00 15.28 ? 5 GLY A N   1 
ATOM   39 C CA  . GLY A 1 5 ? 4.295  -0.340 2.329  1.00 15.77 ? 5 GLY A CA  1 
ATOM   40 C C   . GLY A 1 5 ? 4.887  0.342  1.126  1.00 16.20 ? 5 GLY A C   1 
ATOM   41 O O   . GLY A 1 5 ? 4.474  1.438  0.761  1.00 16.34 ? 5 GLY A O   1 
ATOM   42 N N   . SER A 1 6 ? 5.847  -0.317 0.489  1.00 17.20 ? 6 SER A N   1 
ATOM   43 C CA  . SER A 1 6 ? 6.576  0.277  -0.632 1.00 17.85 ? 6 SER A CA  1 
ATOM   44 C C   . SER A 1 6 ? 6.676  -0.654 -1.848 1.00 18.85 ? 6 SER A C   1 
ATOM   45 O O   . SER A 1 6 ? 6.155  -1.782 -1.836 1.00 19.94 ? 6 SER A O   1 
ATOM   46 C CB  . SER A 1 6 ? 7.972  0.699  -0.169 1.00 17.78 ? 6 SER A CB  1 
ATOM   47 O OG  . SER A 1 6 ? 7.876  1.720  0.804  1.00 16.74 ? 6 SER A OG  1 
ATOM   48 O OXT . SER A 1 6 ? 7.271  -0.297 -2.881 1.00 19.55 ? 6 SER A OXT 1 
HETATM 49 C C1  . MPD B 2 . ? 1.293  -0.931 -5.153 1.00 52.17 ? 7 MPD A C1  1 
HETATM 50 C C2  . MPD B 2 . ? 1.323  -2.444 -5.163 1.00 51.81 ? 7 MPD A C2  1 
HETATM 51 O O2  . MPD B 2 . ? 1.933  -2.898 -3.926 1.00 51.08 ? 7 MPD A O2  1 
HETATM 52 C CM  . MPD B 2 . ? -0.117 -2.936 -5.223 1.00 51.56 ? 7 MPD A CM  1 
HETATM 53 C C3  . MPD B 2 . ? 2.097  -2.944 -6.386 1.00 52.22 ? 7 MPD A C3  1 
HETATM 54 C C4  . MPD B 2 . ? 3.633  -2.869 -6.350 1.00 52.51 ? 7 MPD A C4  1 
HETATM 55 O O4  . MPD B 2 . ? 4.170  -2.385 -5.135 1.00 52.98 ? 7 MPD A O4  1 
HETATM 56 C C5  . MPD B 2 . ? 4.223  -4.250 -6.627 1.00 52.46 ? 7 MPD A C5  1 
# 
